data_7W5Q
#
_entry.id   7W5Q
#
_cell.length_a   84.736
_cell.length_b   147.094
_cell.length_c   41.891
_cell.angle_alpha   90.000
_cell.angle_beta   90.006
_cell.angle_gamma   90.000
#
_symmetry.space_group_name_H-M   'C 1 2 1'
#
_entity_poly.entity_id   1
_entity_poly.type   'polypeptide(L)'
_entity_poly.pdbx_seq_one_letter_code
;MTSQSSVISNSCVTMERLSHMMERKAWCSQESALSEEEEDTTRPLETVTFKDVAVDLTQEEWEQMKPAQRNLYRDVMLEN
YSNLVTVGCQVTKPDVIFKLEQEEEPWVMEEEMFGRHCP
;
_entity_poly.pdbx_strand_id   A,B
#
# COMPACT_ATOMS: atom_id res chain seq x y z
N MET A 1 1.66 -26.98 -15.95
CA MET A 1 1.43 -26.31 -17.21
C MET A 1 -0.04 -26.27 -17.49
N THR A 2 -0.81 -26.95 -16.66
CA THR A 2 -2.26 -26.80 -16.71
C THR A 2 -2.78 -25.96 -15.56
N SER A 3 -2.00 -25.83 -14.49
CA SER A 3 -2.38 -25.04 -13.32
C SER A 3 -1.78 -23.65 -13.33
N GLN A 4 -1.68 -23.00 -14.49
CA GLN A 4 -1.10 -21.66 -14.56
C GLN A 4 -1.91 -20.64 -13.76
N SER A 5 -2.39 -21.05 -12.59
CA SER A 5 -3.21 -20.26 -11.67
C SER A 5 -4.03 -19.17 -12.34
N SER A 6 -4.43 -18.20 -11.54
CA SER A 6 -4.68 -16.85 -12.01
C SER A 6 -3.87 -15.83 -11.23
N VAL A 7 -3.39 -16.19 -10.05
CA VAL A 7 -2.59 -15.34 -9.19
C VAL A 7 -3.39 -14.10 -8.82
N ILE A 8 -3.95 -14.12 -7.60
CA ILE A 8 -4.69 -13.02 -7.01
C ILE A 8 -3.87 -12.33 -5.90
N SER A 9 -2.78 -12.96 -5.48
CA SER A 9 -1.91 -12.62 -4.37
C SER A 9 -0.56 -13.22 -4.69
N ASN A 10 0.49 -12.49 -4.39
CA ASN A 10 1.82 -13.03 -4.56
C ASN A 10 2.83 -12.02 -4.07
N SER A 11 3.14 -11.02 -4.90
CA SER A 11 3.94 -9.86 -4.52
C SER A 11 3.12 -8.81 -3.80
N CYS A 12 1.94 -9.16 -3.29
CA CYS A 12 0.99 -8.20 -2.75
C CYS A 12 0.36 -8.76 -1.47
N VAL A 13 1.18 -9.02 -0.45
CA VAL A 13 0.69 -9.72 0.74
C VAL A 13 0.50 -8.77 1.91
N THR A 14 1.60 -8.22 2.46
CA THR A 14 1.54 -7.28 3.59
C THR A 14 0.25 -6.50 3.54
N MET A 15 -0.10 -6.06 2.33
CA MET A 15 -1.39 -5.44 2.01
C MET A 15 -2.56 -6.15 2.67
N GLU A 16 -2.33 -7.37 3.17
CA GLU A 16 -3.27 -8.05 4.06
C GLU A 16 -2.66 -8.40 5.41
N ARG A 17 -1.46 -7.91 5.71
CA ARG A 17 -0.87 -7.99 7.04
C ARG A 17 -0.95 -6.67 7.79
N LEU A 18 -1.31 -5.58 7.12
CA LEU A 18 -1.43 -4.29 7.80
C LEU A 18 -2.47 -4.35 8.91
N SER A 19 -3.70 -4.74 8.56
CA SER A 19 -4.81 -4.91 9.49
C SER A 19 -4.54 -5.89 10.63
N HIS A 20 -3.34 -6.52 10.63
CA HIS A 20 -2.85 -7.42 11.67
C HIS A 20 -1.48 -6.94 12.13
N MET A 21 -1.33 -5.63 12.28
CA MET A 21 -0.04 -4.97 12.45
C MET A 21 -0.23 -3.63 13.13
N MET A 22 -1.22 -2.86 12.65
CA MET A 22 -1.43 -1.49 13.12
C MET A 22 -2.76 -1.37 13.83
N GLU A 23 -2.90 -2.07 14.94
CA GLU A 23 -4.00 -1.86 15.86
C GLU A 23 -3.38 -1.85 17.24
N ARG A 24 -2.39 -2.73 17.40
CA ARG A 24 -1.66 -2.86 18.65
C ARG A 24 -1.09 -1.51 19.07
N LYS A 25 -0.90 -1.37 20.39
CA LYS A 25 -0.20 -0.28 21.10
C LYS A 25 -1.14 0.81 21.65
N ALA A 26 -2.38 0.88 21.19
CA ALA A 26 -3.39 1.71 21.85
C ALA A 26 -4.28 0.79 22.69
N TRP A 27 -4.16 0.87 24.03
CA TRP A 27 -4.76 -0.13 24.91
C TRP A 27 -5.39 0.45 26.17
N CYS A 28 -6.41 -0.29 26.65
CA CYS A 28 -7.08 -0.22 27.97
C CYS A 28 -7.37 1.16 28.55
N SER A 29 -8.06 1.12 29.69
CA SER A 29 -8.59 2.24 30.47
C SER A 29 -8.57 3.59 29.78
N GLN A 30 -9.68 3.94 29.14
CA GLN A 30 -9.96 5.34 28.86
C GLN A 30 -11.32 5.68 29.47
N GLU A 31 -11.48 5.40 30.76
CA GLU A 31 -12.79 5.42 31.41
C GLU A 31 -13.00 6.72 32.17
N SER A 32 -14.00 7.48 31.75
CA SER A 32 -14.58 8.58 32.53
C SER A 32 -13.60 9.72 32.80
N ALA A 33 -12.51 9.79 32.02
CA ALA A 33 -11.42 10.75 32.15
C ALA A 33 -11.46 11.51 33.47
N LEU A 34 -11.06 10.84 34.55
CA LEU A 34 -11.21 11.41 35.88
C LEU A 34 -10.16 12.47 36.20
N SER A 35 -9.19 12.68 35.31
CA SER A 35 -8.06 13.59 35.52
C SER A 35 -8.19 14.89 34.73
N GLU A 36 -9.42 15.28 34.37
CA GLU A 36 -9.70 16.52 33.63
C GLU A 36 -9.31 17.76 34.43
N GLU A 37 -9.48 18.95 33.82
CA GLU A 37 -9.02 20.29 34.23
C GLU A 37 -7.86 20.73 33.32
N GLU A 38 -7.17 21.81 33.66
CA GLU A 38 -6.03 22.28 32.87
C GLU A 38 -5.09 23.06 33.79
N GLU A 39 -4.37 24.03 33.21
CA GLU A 39 -3.85 25.23 33.88
C GLU A 39 -3.07 26.09 32.89
N ASP A 40 -1.76 25.87 32.84
CA ASP A 40 -0.87 26.78 32.12
C ASP A 40 -0.11 26.05 31.01
N THR A 41 0.91 26.72 30.49
CA THR A 41 1.75 26.25 29.41
C THR A 41 3.17 26.73 29.68
N THR A 42 4.15 25.80 29.71
CA THR A 42 5.57 26.13 29.78
C THR A 42 6.52 24.95 29.60
N ARG A 43 6.20 23.76 30.12
CA ARG A 43 7.40 22.93 30.30
C ARG A 43 7.76 22.19 29.02
N PRO A 44 9.08 22.09 28.70
CA PRO A 44 9.47 21.66 27.35
C PRO A 44 8.99 20.26 27.00
N LEU A 45 9.48 19.74 25.87
CA LEU A 45 9.11 18.43 25.40
C LEU A 45 9.75 17.39 26.30
N GLU A 46 10.25 16.32 25.69
CA GLU A 46 11.35 15.54 26.24
C GLU A 46 11.73 14.53 25.17
N THR A 47 12.67 14.92 24.31
CA THR A 47 13.07 14.07 23.19
C THR A 47 13.22 12.59 23.55
N VAL A 48 12.11 11.86 23.49
CA VAL A 48 11.98 10.41 23.46
C VAL A 48 13.27 9.62 23.68
N THR A 49 14.24 9.83 22.79
CA THR A 49 15.48 9.08 22.62
C THR A 49 15.30 7.79 21.84
N PHE A 50 16.32 7.48 21.04
CA PHE A 50 16.43 6.22 20.29
C PHE A 50 16.87 5.04 21.17
N ASP A 52 15.27 4.37 23.36
CA ASP A 52 13.88 4.09 23.67
C ASP A 52 13.07 3.87 22.41
N VAL A 53 13.69 3.54 21.29
CA VAL A 53 12.94 3.31 20.06
C VAL A 53 13.35 1.95 19.52
N ALA A 54 14.58 1.54 19.85
CA ALA A 54 15.22 0.36 19.29
C ALA A 54 15.66 -0.58 20.41
N VAL A 55 15.54 -1.88 20.16
CA VAL A 55 15.79 -2.90 21.18
C VAL A 55 17.13 -3.53 20.91
N ASP A 56 18.05 -3.41 21.86
CA ASP A 56 19.42 -3.91 21.66
C ASP A 56 19.40 -5.39 21.33
N LEU A 57 20.48 -5.83 20.71
CA LEU A 57 20.50 -7.08 19.98
C LEU A 57 20.82 -8.22 20.95
N THR A 58 21.33 -9.34 20.41
CA THR A 58 21.41 -10.63 21.07
C THR A 58 22.46 -11.46 20.33
N GLN A 59 23.14 -12.33 21.08
CA GLN A 59 24.17 -13.20 20.53
C GLN A 59 23.63 -14.56 20.12
N GLU A 60 22.51 -14.97 20.71
CA GLU A 60 22.15 -16.37 20.83
C GLU A 60 21.02 -16.81 19.91
N GLU A 61 20.21 -15.89 19.40
CA GLU A 61 18.97 -16.20 18.68
C GLU A 61 19.07 -15.68 17.24
N TRP A 62 19.77 -16.40 16.40
CA TRP A 62 20.08 -15.95 15.06
C TRP A 62 19.79 -17.08 14.07
N GLU A 63 19.08 -18.09 14.57
CA GLU A 63 18.68 -19.31 13.91
C GLU A 63 17.17 -19.41 13.86
N GLN A 64 16.49 -18.62 14.66
CA GLN A 64 15.05 -18.57 14.75
C GLN A 64 14.58 -17.29 14.10
N MET A 65 15.04 -17.04 12.86
CA MET A 65 14.83 -15.75 12.24
C MET A 65 14.89 -15.94 10.72
N LYS A 66 13.71 -16.04 10.09
CA LYS A 66 13.60 -16.18 8.64
C LYS A 66 13.92 -14.86 7.95
N PRO A 67 14.38 -14.88 6.66
CA PRO A 67 14.70 -13.61 5.96
C PRO A 67 13.63 -12.53 6.05
N ALA A 68 12.51 -12.81 6.70
CA ALA A 68 11.63 -11.76 7.18
C ALA A 68 12.10 -11.26 8.54
N GLN A 69 12.28 -12.19 9.49
CA GLN A 69 12.85 -11.88 10.80
C GLN A 69 14.35 -11.64 10.69
N ARG A 70 15.04 -12.50 9.96
CA ARG A 70 16.47 -12.33 9.76
C ARG A 70 16.69 -10.95 9.16
N ASN A 71 16.59 -10.92 7.84
CA ASN A 71 16.55 -9.67 7.10
C ASN A 71 15.35 -8.88 7.57
N LEU A 72 15.01 -7.80 6.84
CA LEU A 72 14.08 -6.82 7.41
C LEU A 72 14.68 -6.48 8.77
N TYR A 73 13.91 -6.59 9.86
CA TYR A 73 14.39 -6.15 11.18
C TYR A 73 15.06 -4.79 11.02
N ARG A 74 16.27 -4.79 10.49
CA ARG A 74 16.83 -3.64 9.80
C ARG A 74 15.84 -3.19 8.73
N ASP A 75 15.15 -2.07 9.01
CA ASP A 75 14.23 -1.32 8.16
C ASP A 75 13.23 -0.63 9.09
N VAL A 76 12.60 -1.37 10.00
CA VAL A 76 11.43 -0.86 10.70
C VAL A 76 11.79 -0.04 11.92
N MET A 77 12.40 -0.67 12.94
CA MET A 77 13.11 0.02 14.02
C MET A 77 13.86 1.19 13.43
N LEU A 78 14.31 0.95 12.20
CA LEU A 78 15.14 1.78 11.37
C LEU A 78 14.31 2.67 10.47
N GLU A 79 12.99 2.55 10.52
CA GLU A 79 12.13 3.54 9.89
C GLU A 79 12.00 4.77 10.78
N ASN A 80 11.83 4.58 12.08
CA ASN A 80 12.15 5.68 12.97
C ASN A 80 13.60 6.07 12.72
N TYR A 81 13.82 7.34 12.37
CA TYR A 81 15.13 8.00 12.25
C TYR A 81 15.15 8.97 11.08
N SER A 82 15.35 8.42 9.88
CA SER A 82 15.56 9.22 8.67
C SER A 82 14.29 9.95 8.25
N ASN A 83 13.47 10.36 9.22
CA ASN A 83 12.25 11.12 9.04
C ASN A 83 12.09 11.97 10.30
N LEU A 84 13.03 12.90 10.48
CA LEU A 84 13.18 13.69 11.71
C LEU A 84 14.65 14.01 11.78
N VAL A 85 15.46 13.10 11.26
CA VAL A 85 16.79 13.41 10.81
C VAL A 85 16.77 13.67 9.30
N THR A 86 15.58 13.96 8.76
CA THR A 86 15.36 14.42 7.41
C THR A 86 14.24 15.48 7.39
N VAL A 87 13.91 16.06 8.56
CA VAL A 87 12.95 17.15 8.75
C VAL A 87 13.21 17.90 10.06
N GLY A 88 13.11 17.20 11.20
CA GLY A 88 13.25 17.82 12.51
C GLY A 88 14.60 17.48 13.13
N CYS A 89 14.69 17.28 14.45
CA CYS A 89 15.97 16.92 15.12
C CYS A 89 17.01 16.22 14.26
N LYS A 93 24.69 9.10 14.96
CA LYS A 93 24.36 7.81 14.32
C LYS A 93 25.01 6.60 15.00
N PRO A 94 24.30 5.97 15.94
CA PRO A 94 24.96 5.27 17.03
C PRO A 94 25.83 4.14 16.52
N ASP A 95 27.01 3.98 17.14
CA ASP A 95 27.86 2.84 16.84
C ASP A 95 27.11 1.53 17.07
N VAL A 96 26.06 1.54 17.89
CA VAL A 96 25.15 0.42 18.07
C VAL A 96 24.78 -0.19 16.72
N ILE A 97 24.50 0.66 15.72
CA ILE A 97 24.35 0.26 14.32
C ILE A 97 25.77 -0.05 13.81
N PHE A 98 26.16 0.40 12.62
CA PHE A 98 27.45 0.09 11.98
C PHE A 98 27.50 -1.34 11.43
N LYS A 99 26.79 -2.25 12.07
CA LYS A 99 26.63 -3.63 11.63
C LYS A 99 25.37 -3.84 10.80
N LEU A 100 24.59 -2.77 10.58
CA LEU A 100 23.33 -2.77 9.83
C LEU A 100 23.57 -2.03 8.53
N GLU A 101 23.78 -2.76 7.42
CA GLU A 101 23.86 -2.29 6.04
C GLU A 101 24.90 -3.08 5.25
N GLN A 102 25.68 -3.88 5.97
CA GLN A 102 26.81 -4.58 5.38
C GLN A 102 26.70 -6.03 5.82
N GLU A 103 26.59 -6.92 4.83
CA GLU A 103 26.00 -8.25 4.93
C GLU A 103 26.30 -8.92 6.26
N GLU A 104 27.15 -9.94 6.26
CA GLU A 104 27.85 -10.43 7.46
C GLU A 104 26.96 -10.41 8.71
N GLU A 105 27.53 -10.22 9.90
CA GLU A 105 26.79 -10.26 11.16
C GLU A 105 27.63 -9.53 12.22
N PRO A 106 26.99 -9.04 13.29
CA PRO A 106 27.68 -8.12 14.23
C PRO A 106 29.06 -8.50 14.73
N TRP A 107 29.36 -9.78 14.96
CA TRP A 107 30.61 -10.18 15.60
C TRP A 107 31.63 -10.61 14.55
N VAL A 108 32.74 -9.89 14.51
CA VAL A 108 33.96 -10.33 13.87
C VAL A 108 34.89 -10.81 14.97
N MET A 109 35.29 -12.08 14.92
CA MET A 109 36.12 -12.65 15.97
C MET A 109 37.57 -12.24 15.73
N GLU A 110 37.94 -11.06 16.23
CA GLU A 110 39.33 -10.63 16.24
C GLU A 110 40.05 -11.05 17.51
N GLU A 111 39.33 -11.53 18.51
CA GLU A 111 39.96 -11.95 19.75
C GLU A 111 40.96 -13.07 19.50
N GLU A 112 42.12 -12.97 20.14
CA GLU A 112 43.18 -13.93 19.88
C GLU A 112 43.48 -14.10 18.39
N MET A 113 44.20 -15.17 18.04
CA MET A 113 45.30 -15.07 17.09
C MET A 113 45.13 -15.84 15.79
N PHE A 114 44.70 -17.08 15.78
CA PHE A 114 44.97 -17.83 14.56
C PHE A 114 43.70 -18.30 13.87
N GLY A 115 43.82 -18.49 12.56
CA GLY A 115 42.73 -18.95 11.70
C GLY A 115 43.20 -19.33 10.30
N ARG A 116 44.48 -19.04 10.00
CA ARG A 116 45.22 -19.53 8.84
C ARG A 116 44.97 -18.76 7.55
N HIS A 117 46.03 -18.57 6.74
CA HIS A 117 45.91 -18.04 5.38
C HIS A 117 46.02 -19.18 4.36
N CYS A 118 45.21 -19.10 3.30
CA CYS A 118 45.32 -20.03 2.18
C CYS A 118 44.85 -19.42 0.83
N MET B 1 -14.49 -39.38 -12.56
CA MET B 1 -15.64 -40.22 -12.84
C MET B 1 -16.93 -39.44 -12.69
N THR B 2 -17.78 -39.52 -13.72
CA THR B 2 -19.10 -38.90 -13.72
C THR B 2 -18.95 -37.47 -13.24
N SER B 3 -20.04 -36.81 -12.83
CA SER B 3 -19.93 -35.43 -12.37
C SER B 3 -19.27 -34.59 -13.47
N GLN B 4 -19.96 -34.53 -14.60
CA GLN B 4 -19.41 -33.93 -15.81
C GLN B 4 -20.01 -32.52 -16.01
N SER B 5 -19.70 -31.65 -15.05
CA SER B 5 -20.38 -30.36 -14.89
C SER B 5 -20.68 -29.70 -16.23
N SER B 6 -21.97 -29.62 -16.59
CA SER B 6 -22.35 -29.05 -17.88
C SER B 6 -21.97 -27.58 -17.94
N VAL B 7 -20.69 -27.31 -17.65
CA VAL B 7 -20.11 -26.02 -17.29
C VAL B 7 -21.15 -24.91 -17.45
N ILE B 8 -22.10 -24.88 -16.50
CA ILE B 8 -23.28 -24.04 -16.57
C ILE B 8 -22.92 -22.55 -16.57
N SER B 9 -21.75 -22.19 -16.03
CA SER B 9 -21.42 -20.78 -15.92
C SER B 9 -19.96 -20.51 -15.56
N ASN B 10 -19.03 -20.91 -16.42
CA ASN B 10 -17.62 -20.58 -16.20
C ASN B 10 -17.36 -19.15 -16.62
N SER B 11 -16.53 -18.97 -17.64
CA SER B 11 -16.51 -17.76 -18.44
C SER B 11 -17.92 -17.24 -18.67
N CYS B 12 -18.89 -18.16 -18.76
CA CYS B 12 -20.28 -17.81 -18.99
C CYS B 12 -20.86 -17.29 -17.67
N VAL B 13 -20.69 -16.01 -17.41
CA VAL B 13 -21.66 -15.23 -16.62
C VAL B 13 -21.35 -13.75 -16.79
N THR B 14 -20.10 -13.36 -16.54
CA THR B 14 -19.65 -12.01 -16.79
C THR B 14 -19.93 -11.68 -18.25
N MET B 15 -20.34 -12.70 -18.97
CA MET B 15 -20.98 -12.54 -20.25
C MET B 15 -22.49 -12.27 -20.15
N GLU B 16 -23.16 -12.75 -19.10
CA GLU B 16 -24.63 -12.69 -19.02
C GLU B 16 -25.17 -11.45 -18.34
N ARG B 17 -24.50 -10.97 -17.29
CA ARG B 17 -25.10 -10.07 -16.31
C ARG B 17 -25.85 -8.91 -16.95
N LEU B 18 -25.12 -7.92 -17.46
CA LEU B 18 -25.71 -6.70 -18.01
C LEU B 18 -26.78 -6.17 -17.08
N SER B 19 -27.98 -6.74 -17.21
CA SER B 19 -29.12 -6.49 -16.36
C SER B 19 -28.79 -6.76 -14.89
N HIS B 20 -27.71 -6.16 -14.37
CA HIS B 20 -27.17 -6.58 -13.08
C HIS B 20 -26.11 -5.62 -12.52
N MET B 21 -25.86 -4.50 -13.19
CA MET B 21 -24.93 -3.50 -12.68
C MET B 21 -24.95 -2.25 -13.55
N MET B 22 -24.90 -2.42 -14.88
CA MET B 22 -24.88 -1.30 -15.80
C MET B 22 -26.21 -0.60 -15.88
N GLU B 23 -27.10 -0.92 -14.95
CA GLU B 23 -28.41 -0.29 -14.84
C GLU B 23 -28.45 0.79 -13.76
N ARG B 24 -27.64 0.63 -12.72
CA ARG B 24 -27.66 1.51 -11.53
C ARG B 24 -27.49 2.98 -11.88
N ALA B 26 -29.41 5.31 -13.64
CA ALA B 26 -30.20 6.07 -14.59
C ALA B 26 -31.44 6.62 -13.92
N TRP B 27 -31.30 7.70 -13.16
CA TRP B 27 -32.36 8.18 -12.28
C TRP B 27 -32.47 9.71 -12.29
N CYS B 28 -33.45 10.21 -11.52
CA CYS B 28 -33.89 11.62 -11.44
C CYS B 28 -34.57 12.00 -12.76
N SER B 29 -35.81 12.50 -12.69
CA SER B 29 -36.80 12.31 -13.74
C SER B 29 -36.65 13.29 -14.91
N GLN B 30 -37.54 13.11 -15.89
CA GLN B 30 -37.76 14.00 -17.04
C GLN B 30 -39.25 14.31 -17.14
N GLU B 31 -39.84 14.72 -16.02
CA GLU B 31 -41.28 14.71 -15.81
C GLU B 31 -41.87 16.03 -16.29
N SER B 32 -42.61 15.98 -17.41
CA SER B 32 -43.04 17.15 -18.16
C SER B 32 -42.13 18.36 -17.95
N ALA B 33 -41.43 18.76 -18.99
CA ALA B 33 -40.55 19.90 -18.85
C ALA B 33 -41.35 21.19 -18.73
N LEU B 34 -40.73 22.20 -18.13
CA LEU B 34 -41.23 23.57 -18.14
C LEU B 34 -40.04 24.50 -18.36
N SER B 35 -38.87 24.10 -17.84
CA SER B 35 -37.63 24.82 -18.02
C SER B 35 -37.07 24.62 -19.42
N GLU B 36 -36.71 25.72 -20.08
CA GLU B 36 -36.25 25.61 -21.47
C GLU B 36 -35.59 26.88 -22.00
N GLU B 37 -35.49 26.92 -23.33
CA GLU B 37 -35.11 27.98 -24.25
C GLU B 37 -34.05 27.45 -25.19
N GLU B 38 -34.30 27.55 -26.50
CA GLU B 38 -33.28 27.24 -27.49
C GLU B 38 -32.59 28.53 -27.88
N GLU B 39 -31.33 28.40 -28.28
CA GLU B 39 -30.52 29.58 -28.54
C GLU B 39 -29.43 29.24 -29.56
N ASP B 40 -28.81 30.31 -30.06
CA ASP B 40 -27.58 30.24 -30.83
C ASP B 40 -26.55 29.30 -30.21
N THR B 41 -25.84 28.58 -31.09
CA THR B 41 -24.91 27.51 -30.70
C THR B 41 -23.54 28.10 -30.34
N THR B 42 -23.52 29.12 -29.48
CA THR B 42 -22.30 29.92 -29.33
C THR B 42 -21.26 29.31 -28.39
N ARG B 43 -21.30 29.67 -27.10
CA ARG B 43 -20.22 29.44 -26.13
C ARG B 43 -19.51 28.10 -26.29
N PRO B 44 -18.21 28.06 -26.00
CA PRO B 44 -17.43 26.83 -26.16
C PRO B 44 -17.93 25.67 -25.31
N LEU B 45 -17.36 24.51 -25.62
CA LEU B 45 -17.58 23.29 -24.88
C LEU B 45 -16.99 23.38 -23.49
N GLU B 46 -15.68 23.12 -23.42
CA GLU B 46 -14.92 22.68 -22.24
C GLU B 46 -15.34 21.27 -21.87
N THR B 47 -14.49 20.31 -22.19
CA THR B 47 -14.66 18.94 -21.72
C THR B 47 -14.62 18.91 -20.19
N VAL B 48 -14.64 17.71 -19.64
CA VAL B 48 -14.46 17.55 -18.20
C VAL B 48 -13.06 17.09 -17.84
N THR B 49 -12.27 16.64 -18.82
CA THR B 49 -10.90 16.13 -18.73
C THR B 49 -10.84 14.73 -18.13
N PHE B 50 -9.62 14.26 -17.85
CA PHE B 50 -9.37 12.93 -17.29
C PHE B 50 -8.53 13.04 -16.02
N LYS B 51 -8.45 14.22 -15.44
CA LYS B 51 -7.85 14.35 -14.11
C LYS B 51 -8.78 13.75 -13.06
N ASP B 52 -10.04 14.18 -13.08
CA ASP B 52 -11.01 13.84 -12.03
C ASP B 52 -11.66 12.49 -12.30
N VAL B 53 -11.87 12.16 -13.58
CA VAL B 53 -12.35 10.85 -14.02
C VAL B 53 -11.43 9.73 -13.55
N ALA B 54 -10.85 9.87 -12.34
CA ALA B 54 -10.00 8.86 -11.73
C ALA B 54 -10.02 9.09 -10.22
N VAL B 55 -9.41 8.16 -9.48
CA VAL B 55 -9.54 8.10 -8.01
C VAL B 55 -8.16 7.95 -7.39
N ASP B 56 -7.66 9.02 -6.76
CA ASP B 56 -6.42 8.91 -6.01
C ASP B 56 -6.54 7.74 -5.06
N LEU B 57 -6.06 6.57 -5.46
CA LEU B 57 -6.13 5.36 -4.64
C LEU B 57 -5.97 5.67 -3.16
N THR B 58 -6.93 5.17 -2.36
CA THR B 58 -7.05 5.52 -0.96
C THR B 58 -6.18 4.61 -0.12
N GLN B 59 -5.59 5.18 0.92
CA GLN B 59 -4.46 4.52 1.57
C GLN B 59 -4.90 3.23 2.27
N GLU B 60 -5.73 3.35 3.31
CA GLU B 60 -5.97 2.17 4.15
C GLU B 60 -6.68 1.05 3.38
N GLU B 61 -7.66 1.41 2.54
CA GLU B 61 -8.54 0.45 1.87
C GLU B 61 -7.73 -0.65 1.22
N TRP B 62 -8.37 -1.79 0.89
CA TRP B 62 -7.97 -2.90 0.01
C TRP B 62 -7.79 -4.23 0.76
N GLU B 63 -8.19 -4.25 2.04
CA GLU B 63 -8.20 -5.45 2.87
C GLU B 63 -9.03 -6.55 2.22
N GLN B 64 -10.33 -6.42 2.39
CA GLN B 64 -11.40 -7.25 1.86
C GLN B 64 -11.22 -7.44 0.36
N MET B 65 -11.88 -6.59 -0.45
CA MET B 65 -11.78 -6.47 -1.91
C MET B 65 -10.82 -7.48 -2.52
N LYS B 66 -11.30 -8.70 -2.76
CA LYS B 66 -10.48 -9.75 -3.36
C LYS B 66 -9.74 -9.20 -4.60
N PRO B 67 -8.40 -9.23 -4.59
CA PRO B 67 -7.64 -8.62 -5.69
C PRO B 67 -8.10 -8.90 -7.10
N ALA B 68 -9.19 -9.65 -7.29
CA ALA B 68 -9.91 -9.55 -8.55
C ALA B 68 -10.82 -8.32 -8.57
N GLN B 69 -11.19 -7.81 -7.39
CA GLN B 69 -11.77 -6.47 -7.32
C GLN B 69 -10.69 -5.41 -7.29
N ARG B 70 -9.43 -5.81 -7.18
CA ARG B 70 -8.29 -4.92 -7.43
C ARG B 70 -7.73 -5.10 -8.83
N ASN B 71 -7.25 -6.29 -9.17
CA ASN B 71 -6.68 -6.46 -10.50
C ASN B 71 -7.61 -5.89 -11.57
N LEU B 72 -8.89 -6.27 -11.52
CA LEU B 72 -9.84 -5.67 -12.45
C LEU B 72 -9.86 -4.17 -12.29
N TYR B 73 -9.56 -3.69 -11.08
CA TYR B 73 -9.77 -2.29 -10.76
C TYR B 73 -8.95 -1.45 -11.72
N ARG B 74 -7.64 -1.25 -11.47
CA ARG B 74 -6.84 -0.36 -12.31
C ARG B 74 -7.22 -0.51 -13.78
N ASP B 75 -7.36 -1.75 -14.23
CA ASP B 75 -7.99 -2.12 -15.50
C ASP B 75 -9.41 -1.58 -15.66
N VAL B 76 -9.88 -0.73 -14.74
CA VAL B 76 -11.07 0.10 -14.95
C VAL B 76 -10.65 1.48 -15.46
N MET B 77 -9.92 2.23 -14.62
CA MET B 77 -9.33 3.49 -15.06
C MET B 77 -8.20 3.29 -16.07
N LEU B 78 -7.78 2.05 -16.29
CA LEU B 78 -7.02 1.64 -17.46
C LEU B 78 -7.94 1.34 -18.63
N GLU B 79 -9.25 1.45 -18.42
CA GLU B 79 -10.21 0.99 -19.43
C GLU B 79 -11.32 2.00 -19.66
N ASN B 80 -11.15 3.24 -19.19
CA ASN B 80 -11.71 4.42 -19.84
C ASN B 80 -10.69 5.13 -20.72
N TYR B 81 -9.41 4.79 -20.54
CA TYR B 81 -8.34 5.56 -21.14
C TYR B 81 -8.19 5.34 -22.64
N SER B 82 -8.76 4.27 -23.19
CA SER B 82 -8.48 3.92 -24.57
C SER B 82 -9.52 4.45 -25.55
N ASN B 83 -10.32 5.43 -25.15
CA ASN B 83 -10.75 6.43 -26.10
C ASN B 83 -9.71 7.52 -26.15
N LEU B 84 -9.34 8.05 -24.98
CA LEU B 84 -8.50 9.23 -24.83
C LEU B 84 -7.06 8.99 -25.23
N VAL B 85 -6.69 7.74 -25.54
CA VAL B 85 -5.36 7.43 -26.05
C VAL B 85 -5.48 6.45 -27.20
N THR B 86 -6.56 6.58 -27.98
CA THR B 86 -6.85 5.78 -29.17
C THR B 86 -7.78 6.53 -30.12
N VAL B 87 -8.75 7.29 -29.60
CA VAL B 87 -9.51 8.30 -30.36
C VAL B 87 -10.23 9.25 -29.41
N GLY B 88 -9.81 10.52 -29.39
CA GLY B 88 -10.51 11.49 -28.55
C GLY B 88 -9.87 12.86 -28.54
N CYS B 89 -9.99 13.53 -27.40
CA CYS B 89 -9.34 14.82 -27.14
C CYS B 89 -8.42 14.66 -25.95
N GLN B 90 -7.15 15.03 -26.14
CA GLN B 90 -6.04 14.40 -25.42
C GLN B 90 -5.83 14.99 -24.03
N VAL B 91 -5.89 14.12 -23.02
CA VAL B 91 -5.50 14.49 -21.66
C VAL B 91 -4.02 14.17 -21.49
N THR B 92 -3.63 13.62 -20.34
CA THR B 92 -2.23 13.29 -20.12
C THR B 92 -2.16 12.19 -19.05
N LYS B 93 -0.99 11.59 -18.91
CA LYS B 93 -0.72 10.50 -17.97
C LYS B 93 -0.61 11.04 -16.54
N PRO B 94 -1.60 10.82 -15.69
CA PRO B 94 -1.62 11.48 -14.37
C PRO B 94 -0.51 11.01 -13.44
N ASP B 95 -0.40 11.74 -12.33
CA ASP B 95 0.48 11.47 -11.21
C ASP B 95 0.45 10.00 -10.85
N VAL B 96 -0.48 9.69 -9.94
CA VAL B 96 -0.63 8.44 -9.19
C VAL B 96 -0.23 7.22 -10.01
N ILE B 97 -0.30 7.35 -11.34
CA ILE B 97 -0.26 6.26 -12.31
C ILE B 97 0.79 5.19 -11.99
N PHE B 98 2.07 5.58 -11.85
CA PHE B 98 3.23 4.70 -11.65
C PHE B 98 2.96 3.42 -10.84
N LYS B 99 1.80 2.78 -11.06
CA LYS B 99 1.28 1.67 -10.28
C LYS B 99 0.28 0.88 -11.13
N LEU B 100 -0.48 1.59 -11.94
CA LEU B 100 -1.52 1.01 -12.79
C LEU B 100 -1.08 -0.29 -13.45
N GLN B 102 1.66 -1.65 -12.31
CA GLN B 102 2.94 -1.93 -11.62
C GLN B 102 2.82 -2.88 -10.41
N GLU B 103 3.91 -3.62 -10.17
CA GLU B 103 3.95 -4.93 -9.53
C GLU B 103 3.47 -5.04 -8.09
N GLU B 104 4.44 -5.29 -7.23
CA GLU B 104 4.41 -5.14 -5.79
C GLU B 104 3.12 -4.48 -5.33
N GLU B 105 3.04 -3.15 -5.39
CA GLU B 105 1.91 -2.50 -4.78
C GLU B 105 2.05 -0.99 -4.92
N PRO B 106 0.95 -0.25 -4.82
CA PRO B 106 1.05 1.21 -4.66
C PRO B 106 1.92 1.69 -3.51
N TRP B 107 1.58 1.27 -2.31
CA TRP B 107 2.28 1.69 -1.10
C TRP B 107 3.55 0.90 -0.88
N VAL B 108 4.31 0.68 -1.95
CA VAL B 108 5.70 0.27 -1.86
C VAL B 108 6.42 1.30 -1.00
N MET B 109 7.64 0.98 -0.60
CA MET B 109 8.46 1.90 0.17
C MET B 109 9.80 2.11 -0.52
N GLU B 110 10.37 3.30 -0.33
CA GLU B 110 11.80 3.46 -0.48
C GLU B 110 12.34 4.21 0.73
N GLU B 111 11.49 5.08 1.28
CA GLU B 111 11.77 5.77 2.54
C GLU B 111 12.42 4.80 3.51
N GLU B 112 13.39 5.29 4.28
CA GLU B 112 14.24 4.45 5.12
C GLU B 112 14.72 3.21 4.38
N MET B 113 16.02 3.08 4.20
CA MET B 113 16.54 2.10 3.25
C MET B 113 16.80 0.77 3.97
N PHE B 114 17.69 -0.04 3.41
CA PHE B 114 18.14 -1.32 3.96
C PHE B 114 17.13 -2.41 3.68
N GLY B 115 17.56 -3.66 3.81
CA GLY B 115 16.72 -4.78 3.50
C GLY B 115 17.41 -6.01 4.01
N ARG B 116 18.29 -5.75 4.99
CA ARG B 116 19.22 -6.67 5.64
C ARG B 116 19.71 -7.80 4.75
N HIS B 117 21.03 -7.82 4.56
CA HIS B 117 21.79 -8.93 4.00
C HIS B 117 21.15 -10.32 3.96
N CYS B 118 21.47 -11.04 2.90
CA CYS B 118 21.13 -12.44 2.67
C CYS B 118 21.79 -12.81 1.35
N PRO B 119 21.48 -13.97 0.73
CA PRO B 119 22.03 -14.19 -0.61
C PRO B 119 21.82 -13.01 -1.57
#